data_5G6I
#
_entry.id   5G6I
#
_cell.length_a   80.670
_cell.length_b   94.490
_cell.length_c   61.910
_cell.angle_alpha   90.00
_cell.angle_beta   90.00
_cell.angle_gamma   90.00
#
_symmetry.space_group_name_H-M   'P 21 21 2'
#
loop_
_entity.id
_entity.type
_entity.pdbx_description
1 polymer 'NITRIC OXIDE SYNTHASE OXYGENASE'
2 non-polymer 'PROTOPORPHYRIN IX CONTAINING FE'
3 non-polymer 5,6,7,8-TETRAHYDROBIOPTERIN
4 non-polymer 'CHLORIDE ION'
5 non-polymer 7-[[3-(methylaminomethyl)phenoxy]methyl]quinolin-2-amine
6 non-polymer GLYCEROL
7 water water
#
_entity_poly.entity_id   1
_entity_poly.type   'polypeptide(L)'
_entity_poly.pdbx_seq_one_letter_code
;MEEKEILWNEAKAFIAACYQELGKAAEVKDRLADIKSEIDLTGSYVHTKEELEHGAKMAWRNSNRCIGRLFWNSLNVIDR
RDVRTKEEVRDALFHHIETATNNGKIRPTITIFPPEEKGEKQVEIWNHQLIRYAGYESDGERIGDPASCSLTAACEELGW
RGERTDFDLLPLIFRMKGDEQPVWYELPRSLVIEVPITHPDIEAFSDLELKWYGVPIVSDMKLEVGGIHYNAAPFNGWYM
GTEIGARNLADEKRYDKLKKVASVIGIAADYNTDLWKDQALVELNKAVLHSYKKQGVSIVDHHTAASQFKRFEEQAEEAG
RKLTGDWTWLIPPISPAATHIFHRSYDNSIVKPNYFYQDKPYE
;
_entity_poly.pdbx_strand_id   A
#
loop_
_chem_comp.id
_chem_comp.type
_chem_comp.name
_chem_comp.formula
CL non-polymer 'CHLORIDE ION' 'Cl -1'
GOL non-polymer GLYCEROL 'C3 H8 O3'
H4B non-polymer 5,6,7,8-TETRAHYDROBIOPTERIN 'C9 H15 N5 O3'
HEM non-polymer 'PROTOPORPHYRIN IX CONTAINING FE' 'C34 H32 Fe N4 O4'
M85 non-polymer 7-[[3-(methylaminomethyl)phenoxy]methyl]quinolin-2-amine 'C18 H19 N3 O'
#
# COMPACT_ATOMS: atom_id res chain seq x y z
N GLU A 2 24.87 -22.00 5.47
CA GLU A 2 24.16 -22.45 6.65
C GLU A 2 22.70 -22.03 6.62
N GLU A 3 22.47 -20.86 6.05
CA GLU A 3 21.14 -20.22 5.93
C GLU A 3 20.01 -21.13 5.47
N LYS A 4 20.36 -22.25 4.82
CA LYS A 4 19.38 -23.25 4.41
C LYS A 4 18.47 -23.66 5.57
N GLU A 5 19.02 -23.61 6.78
CA GLU A 5 18.27 -23.92 7.98
C GLU A 5 17.11 -22.94 8.19
N ILE A 6 17.39 -21.65 8.06
CA ILE A 6 16.34 -20.64 8.20
C ILE A 6 15.29 -20.84 7.12
N LEU A 7 15.75 -21.07 5.90
CA LEU A 7 14.86 -21.25 4.76
C LEU A 7 13.97 -22.47 4.96
N TRP A 8 14.57 -23.55 5.46
CA TRP A 8 13.88 -24.81 5.66
C TRP A 8 12.74 -24.72 6.67
N ASN A 9 13.00 -24.09 7.81
CA ASN A 9 11.99 -23.98 8.87
C ASN A 9 10.81 -23.13 8.44
N GLU A 10 11.11 -21.98 7.86
CA GLU A 10 10.08 -21.07 7.39
C GLU A 10 9.22 -21.77 6.34
N ALA A 11 9.87 -22.61 5.54
CA ALA A 11 9.18 -23.38 4.50
C ALA A 11 8.28 -24.46 5.09
N LYS A 12 8.79 -25.22 6.07
CA LYS A 12 8.00 -26.23 6.75
C LYS A 12 6.75 -25.61 7.35
N ALA A 13 6.94 -24.46 8.00
CA ALA A 13 5.87 -23.82 8.74
C ALA A 13 4.81 -23.35 7.77
N PHE A 14 5.26 -22.77 6.65
CA PHE A 14 4.34 -22.19 5.67
C PHE A 14 3.57 -23.26 4.91
N ILE A 15 4.27 -24.25 4.35
CA ILE A 15 3.63 -25.30 3.57
C ILE A 15 2.60 -26.10 4.39
N ALA A 16 2.93 -26.38 5.65
CA ALA A 16 1.98 -27.04 6.52
C ALA A 16 0.72 -26.18 6.71
N ALA A 17 0.91 -24.90 7.06
CA ALA A 17 -0.23 -24.01 7.29
C ALA A 17 -1.02 -23.77 6.01
N CYS A 18 -0.30 -23.52 4.92
CA CYS A 18 -0.93 -23.22 3.64
C CYS A 18 -1.77 -24.39 3.08
N TYR A 19 -1.18 -25.58 3.01
CA TYR A 19 -1.89 -26.74 2.48
C TYR A 19 -3.03 -27.17 3.39
N GLN A 20 -2.85 -26.95 4.68
CA GLN A 20 -3.90 -27.24 5.66
C GLN A 20 -5.12 -26.39 5.38
N GLU A 21 -4.88 -25.11 5.08
CA GLU A 21 -5.95 -24.17 4.79
C GLU A 21 -6.58 -24.44 3.43
N LEU A 22 -5.83 -25.07 2.53
CA LEU A 22 -6.31 -25.36 1.18
C LEU A 22 -7.03 -26.71 1.10
N GLY A 23 -7.17 -27.39 2.23
CA GLY A 23 -7.78 -28.72 2.25
C GLY A 23 -6.86 -29.81 1.70
N LYS A 24 -5.60 -29.46 1.46
CA LYS A 24 -4.63 -30.39 0.85
C LYS A 24 -3.62 -30.90 1.88
N ALA A 25 -4.08 -31.11 3.11
CA ALA A 25 -3.21 -31.52 4.21
C ALA A 25 -2.40 -32.79 3.94
N ALA A 26 -2.92 -33.68 3.11
CA ALA A 26 -2.26 -34.95 2.82
C ALA A 26 -1.08 -34.79 1.87
N GLU A 27 -1.11 -33.73 1.06
CA GLU A 27 -0.11 -33.51 0.04
C GLU A 27 1.15 -32.84 0.58
N VAL A 28 1.14 -32.59 1.89
CA VAL A 28 2.24 -31.88 2.55
C VAL A 28 3.55 -32.66 2.54
N LYS A 29 3.52 -33.89 3.06
CA LYS A 29 4.73 -34.71 3.21
C LYS A 29 5.55 -34.79 1.93
N ASP A 30 4.87 -35.05 0.81
CA ASP A 30 5.53 -35.15 -0.49
C ASP A 30 6.00 -33.80 -1.00
N ARG A 31 5.19 -32.76 -0.83
CA ARG A 31 5.59 -31.42 -1.22
C ARG A 31 6.78 -30.98 -0.37
N LEU A 32 6.75 -31.29 0.92
CA LEU A 32 7.87 -30.96 1.82
C LEU A 32 9.14 -31.71 1.43
N ALA A 33 8.98 -32.98 1.06
CA ALA A 33 10.09 -33.81 0.61
C ALA A 33 10.79 -33.15 -0.57
N ASP A 34 10.01 -32.86 -1.60
CA ASP A 34 10.51 -32.18 -2.80
C ASP A 34 11.23 -30.87 -2.47
N ILE A 35 10.62 -30.07 -1.58
CA ILE A 35 11.22 -28.82 -1.14
C ILE A 35 12.53 -29.04 -0.39
N LYS A 36 12.53 -30.00 0.54
CA LYS A 36 13.74 -30.31 1.29
C LYS A 36 14.86 -30.68 0.32
N SER A 37 14.52 -31.54 -0.63
CA SER A 37 15.45 -31.90 -1.69
C SER A 37 15.91 -30.69 -2.51
N GLU A 38 14.98 -29.80 -2.86
CA GLU A 38 15.34 -28.65 -3.70
C GLU A 38 16.28 -27.68 -2.98
N ILE A 39 16.05 -27.46 -1.69
CA ILE A 39 16.90 -26.56 -0.91
C ILE A 39 18.34 -27.06 -0.83
N ASP A 40 18.51 -28.33 -0.50
CA ASP A 40 19.82 -28.96 -0.44
C ASP A 40 20.57 -28.80 -1.75
N LEU A 41 19.91 -29.20 -2.83
CA LEU A 41 20.50 -29.18 -4.17
C LEU A 41 20.78 -27.78 -4.71
N THR A 42 19.93 -26.80 -4.37
CA THR A 42 20.00 -25.50 -5.04
C THR A 42 20.14 -24.29 -4.13
N GLY A 43 19.98 -24.49 -2.83
CA GLY A 43 20.02 -23.37 -1.90
C GLY A 43 18.66 -22.66 -1.72
N SER A 44 17.79 -22.81 -2.71
CA SER A 44 16.46 -22.22 -2.62
C SER A 44 15.37 -23.20 -3.06
N TYR A 45 14.13 -22.69 -3.15
CA TYR A 45 13.01 -23.44 -3.69
C TYR A 45 12.02 -22.50 -4.35
N VAL A 46 11.14 -23.03 -5.19
CA VAL A 46 10.22 -22.22 -5.94
C VAL A 46 8.76 -22.52 -5.56
N HIS A 47 7.97 -21.47 -5.34
CA HIS A 47 6.56 -21.66 -5.02
C HIS A 47 5.77 -22.01 -6.26
N THR A 48 4.83 -22.95 -6.12
CA THR A 48 3.79 -23.14 -7.12
C THR A 48 2.93 -21.89 -7.15
N LYS A 49 2.17 -21.70 -8.23
CA LYS A 49 1.29 -20.53 -8.33
C LYS A 49 0.25 -20.53 -7.21
N GLU A 50 -0.21 -21.73 -6.85
CA GLU A 50 -1.17 -21.87 -5.76
C GLU A 50 -0.60 -21.43 -4.40
N GLU A 51 0.62 -21.88 -4.10
CA GLU A 51 1.26 -21.54 -2.84
C GLU A 51 1.51 -20.05 -2.77
N LEU A 52 2.01 -19.49 -3.87
CA LEU A 52 2.34 -18.07 -3.91
C LEU A 52 1.09 -17.22 -3.72
N GLU A 53 0.02 -17.60 -4.42
CA GLU A 53 -1.23 -16.87 -4.31
C GLU A 53 -1.76 -16.92 -2.87
N HIS A 54 -1.78 -18.11 -2.28
CA HIS A 54 -2.29 -18.20 -0.93
C HIS A 54 -1.40 -17.46 0.08
N GLY A 55 -0.07 -17.55 -0.10
CA GLY A 55 0.88 -16.83 0.72
C GLY A 55 0.69 -15.32 0.72
N ALA A 56 0.43 -14.73 -0.43
CA ALA A 56 0.19 -13.29 -0.51
C ALA A 56 -1.08 -12.91 0.23
N LYS A 57 -2.05 -13.81 0.18
CA LYS A 57 -3.30 -13.60 0.87
C LYS A 57 -3.08 -13.71 2.38
N MET A 58 -2.32 -14.71 2.81
CA MET A 58 -2.01 -14.89 4.21
C MET A 58 -1.27 -13.69 4.73
N ALA A 59 -0.37 -13.15 3.91
CA ALA A 59 0.40 -11.98 4.31
C ALA A 59 -0.50 -10.78 4.60
N TRP A 60 -1.49 -10.57 3.75
CA TRP A 60 -2.43 -9.48 3.97
C TRP A 60 -3.20 -9.77 5.27
N ARG A 61 -3.59 -11.03 5.47
CA ARG A 61 -4.34 -11.43 6.66
C ARG A 61 -3.56 -11.14 7.94
N ASN A 62 -2.22 -11.20 7.85
CA ASN A 62 -1.36 -11.07 9.02
C ASN A 62 -0.82 -9.65 9.21
N SER A 63 -1.25 -8.71 8.38
CA SER A 63 -0.77 -7.34 8.49
C SER A 63 -1.45 -6.57 9.65
N ASN A 64 -0.84 -6.64 10.82
CA ASN A 64 -1.37 -6.02 12.02
C ASN A 64 -1.90 -4.60 11.88
N ARG A 65 -1.32 -3.81 10.96
CA ARG A 65 -1.67 -2.40 10.87
C ARG A 65 -2.81 -2.12 9.90
N CYS A 66 -3.34 -3.18 9.30
CA CYS A 66 -4.33 -3.02 8.25
C CYS A 66 -5.78 -3.23 8.70
N ILE A 67 -6.61 -2.22 8.50
CA ILE A 67 -8.01 -2.28 8.91
C ILE A 67 -8.85 -2.97 7.82
N GLY A 68 -8.28 -3.12 6.64
CA GLY A 68 -9.08 -3.59 5.53
C GLY A 68 -9.02 -5.07 5.30
N ARG A 69 -8.56 -5.81 6.29
CA ARG A 69 -8.24 -7.24 6.13
C ARG A 69 -9.40 -8.22 5.93
N LEU A 70 -10.65 -7.77 6.08
CA LEU A 70 -11.81 -8.65 5.89
C LEU A 70 -11.73 -9.31 4.53
N PHE A 71 -11.19 -8.57 3.57
CA PHE A 71 -11.23 -9.01 2.19
C PHE A 71 -9.99 -9.74 1.72
N TRP A 72 -9.19 -10.23 2.68
CA TRP A 72 -7.90 -10.87 2.39
C TRP A 72 -7.98 -11.98 1.34
N ASN A 73 -9.07 -12.74 1.33
CA ASN A 73 -9.14 -13.95 0.50
C ASN A 73 -9.53 -13.65 -0.94
N SER A 74 -9.87 -12.41 -1.22
CA SER A 74 -10.24 -12.07 -2.59
C SER A 74 -9.16 -11.26 -3.31
N LEU A 75 -7.99 -11.15 -2.69
CA LEU A 75 -6.82 -10.50 -3.30
C LEU A 75 -6.55 -11.09 -4.69
N ASN A 76 -6.37 -10.22 -5.68
CA ASN A 76 -6.05 -10.63 -7.05
C ASN A 76 -4.52 -10.70 -7.21
N VAL A 77 -3.99 -11.92 -7.29
CA VAL A 77 -2.54 -12.10 -7.29
C VAL A 77 -2.04 -12.27 -8.72
N ILE A 78 -1.20 -11.36 -9.19
CA ILE A 78 -0.62 -11.48 -10.52
C ILE A 78 0.81 -11.97 -10.42
N ASP A 79 1.05 -13.18 -10.90
CA ASP A 79 2.38 -13.79 -10.83
C ASP A 79 3.28 -13.37 -12.00
N ARG A 80 4.24 -12.50 -11.72
CA ARG A 80 5.17 -12.03 -12.76
C ARG A 80 6.62 -12.38 -12.47
N ARG A 81 6.84 -13.58 -11.96
CA ARG A 81 8.20 -14.05 -11.64
C ARG A 81 9.00 -14.35 -12.90
N ASP A 82 8.33 -14.28 -14.04
CA ASP A 82 8.94 -14.55 -15.33
C ASP A 82 9.63 -13.33 -15.96
N VAL A 83 9.46 -12.13 -15.41
CA VAL A 83 10.03 -10.95 -16.09
C VAL A 83 11.54 -10.95 -15.97
N ARG A 84 12.21 -10.54 -17.04
CA ARG A 84 13.67 -10.51 -17.09
C ARG A 84 14.22 -9.15 -17.54
N THR A 85 13.35 -8.31 -18.10
CA THR A 85 13.79 -7.04 -18.67
C THR A 85 13.06 -5.83 -18.11
N LYS A 86 13.69 -4.66 -18.21
CA LYS A 86 13.09 -3.45 -17.65
C LYS A 86 11.84 -3.00 -18.41
N GLU A 87 11.79 -3.33 -19.71
CA GLU A 87 10.57 -3.11 -20.49
C GLU A 87 9.42 -3.99 -19.96
N GLU A 88 9.72 -5.23 -19.59
CA GLU A 88 8.70 -6.12 -19.00
C GLU A 88 8.28 -5.66 -17.61
N VAL A 89 9.23 -5.17 -16.82
CA VAL A 89 8.89 -4.70 -15.50
C VAL A 89 8.00 -3.47 -15.65
N ARG A 90 8.38 -2.57 -16.56
CA ARG A 90 7.61 -1.36 -16.78
C ARG A 90 6.18 -1.72 -17.16
N ASP A 91 6.06 -2.63 -18.13
CA ASP A 91 4.75 -3.02 -18.62
C ASP A 91 3.94 -3.76 -17.57
N ALA A 92 4.60 -4.50 -16.68
CA ALA A 92 3.90 -5.15 -15.56
C ALA A 92 3.35 -4.12 -14.57
N LEU A 93 4.14 -3.08 -14.31
CA LEU A 93 3.70 -2.02 -13.46
C LEU A 93 2.52 -1.24 -14.09
N PHE A 94 2.63 -0.93 -15.37
CA PHE A 94 1.54 -0.29 -16.09
C PHE A 94 0.25 -1.11 -15.99
N HIS A 95 0.35 -2.40 -16.31
CA HIS A 95 -0.80 -3.29 -16.28
C HIS A 95 -1.44 -3.31 -14.89
N HIS A 96 -0.60 -3.36 -13.85
CA HIS A 96 -1.12 -3.38 -12.50
C HIS A 96 -1.97 -2.14 -12.24
N ILE A 97 -1.43 -0.98 -12.57
CA ILE A 97 -2.20 0.25 -12.44
C ILE A 97 -3.56 0.12 -13.17
N GLU A 98 -3.51 -0.32 -14.43
CA GLU A 98 -4.72 -0.44 -15.23
C GLU A 98 -5.71 -1.44 -14.63
N THR A 99 -5.24 -2.62 -14.24
CA THR A 99 -6.16 -3.67 -13.79
C THR A 99 -6.70 -3.39 -12.38
N ALA A 100 -5.85 -2.89 -11.50
CA ALA A 100 -6.27 -2.56 -10.15
C ALA A 100 -7.29 -1.44 -10.18
N THR A 101 -7.09 -0.48 -11.08
CA THR A 101 -7.95 0.70 -11.16
C THR A 101 -9.34 0.28 -11.65
N ASN A 102 -9.38 -0.49 -12.73
CA ASN A 102 -10.62 -1.07 -13.22
C ASN A 102 -11.69 -0.01 -13.45
N ASN A 103 -11.32 1.06 -14.15
CA ASN A 103 -12.25 2.16 -14.40
C ASN A 103 -12.89 2.76 -13.15
N GLY A 104 -12.23 2.61 -12.00
CA GLY A 104 -12.74 3.19 -10.77
C GLY A 104 -13.24 2.16 -9.76
N LYS A 105 -13.66 0.98 -10.24
CA LYS A 105 -14.13 -0.06 -9.33
C LYS A 105 -12.92 -0.89 -8.89
N ILE A 106 -12.14 -0.37 -7.94
CA ILE A 106 -10.81 -0.87 -7.61
C ILE A 106 -10.78 -2.33 -7.17
N ARG A 107 -9.88 -3.10 -7.78
CA ARG A 107 -9.61 -4.50 -7.43
C ARG A 107 -8.36 -4.52 -6.60
N PRO A 108 -8.44 -5.02 -5.35
CA PRO A 108 -7.23 -5.25 -4.56
C PRO A 108 -6.33 -6.22 -5.31
N THR A 109 -5.12 -5.79 -5.64
CA THR A 109 -4.25 -6.53 -6.53
C THR A 109 -2.80 -6.48 -6.00
N ILE A 110 -2.06 -7.55 -6.25
CA ILE A 110 -0.63 -7.54 -6.00
C ILE A 110 0.05 -8.14 -7.23
N THR A 111 1.11 -7.50 -7.70
CA THR A 111 1.92 -8.08 -8.78
C THR A 111 3.21 -8.56 -8.15
N ILE A 112 3.55 -9.82 -8.38
CA ILE A 112 4.73 -10.39 -7.75
C ILE A 112 5.88 -10.61 -8.72
N PHE A 113 7.00 -9.91 -8.47
CA PHE A 113 8.17 -10.00 -9.34
C PHE A 113 9.11 -11.07 -8.80
N PRO A 114 10.17 -11.44 -9.57
CA PRO A 114 11.09 -12.47 -9.07
C PRO A 114 11.67 -12.15 -7.68
N PRO A 115 11.81 -13.17 -6.80
CA PRO A 115 12.28 -12.94 -5.44
C PRO A 115 13.79 -12.73 -5.39
N GLU A 116 14.31 -12.41 -4.20
CA GLU A 116 15.76 -12.33 -4.02
C GLU A 116 16.32 -13.74 -4.11
N GLU A 117 17.50 -13.85 -4.68
CA GLU A 117 18.18 -15.15 -4.77
C GLU A 117 19.11 -15.35 -3.58
N LYS A 118 20.29 -14.74 -3.66
CA LYS A 118 21.27 -14.85 -2.59
C LYS A 118 21.15 -13.68 -1.62
N GLY A 119 19.95 -13.11 -1.55
CA GLY A 119 19.76 -11.83 -0.88
C GLY A 119 19.92 -10.74 -1.92
N GLU A 120 20.37 -11.14 -3.11
CA GLU A 120 20.49 -10.25 -4.26
C GLU A 120 19.14 -10.02 -4.94
N LYS A 121 18.75 -8.75 -5.05
CA LYS A 121 17.49 -8.39 -5.69
C LYS A 121 17.57 -8.55 -7.21
N GLN A 122 16.48 -8.99 -7.81
CA GLN A 122 16.43 -9.12 -9.26
C GLN A 122 15.89 -7.81 -9.80
N VAL A 123 15.01 -7.20 -9.02
CA VAL A 123 14.36 -5.96 -9.38
C VAL A 123 14.19 -5.18 -8.10
N GLU A 124 14.51 -3.90 -8.15
CA GLU A 124 14.41 -3.04 -6.97
C GLU A 124 13.61 -1.79 -7.30
N ILE A 125 12.38 -1.72 -6.81
CA ILE A 125 11.48 -0.59 -7.07
C ILE A 125 11.73 0.55 -6.10
N TRP A 126 12.02 1.74 -6.63
CA TRP A 126 12.32 2.91 -5.79
C TRP A 126 11.07 3.65 -5.31
N ASN A 127 9.99 3.60 -6.08
CA ASN A 127 8.75 4.27 -5.67
C ASN A 127 8.20 3.77 -4.33
N HIS A 128 7.68 4.70 -3.53
CA HIS A 128 6.96 4.31 -2.32
C HIS A 128 5.55 3.86 -2.74
N GLN A 129 4.92 4.62 -3.62
CA GLN A 129 3.74 4.15 -4.32
C GLN A 129 3.91 4.37 -5.82
N LEU A 130 3.35 3.47 -6.63
CA LEU A 130 3.48 3.57 -8.07
C LEU A 130 2.95 4.92 -8.53
N ILE A 131 1.86 5.37 -7.91
CA ILE A 131 1.33 6.69 -8.21
C ILE A 131 1.49 7.57 -6.98
N ARG A 132 2.30 8.62 -7.12
CA ARG A 132 2.50 9.59 -6.05
C ARG A 132 2.97 10.93 -6.60
N TYR A 133 2.78 12.00 -5.82
CA TYR A 133 3.14 13.34 -6.26
C TYR A 133 4.54 13.75 -5.80
N ALA A 134 5.25 14.48 -6.65
CA ALA A 134 6.61 14.92 -6.33
C ALA A 134 6.56 16.01 -5.27
N GLY A 135 7.71 16.28 -4.67
CA GLY A 135 7.79 17.32 -3.66
C GLY A 135 9.08 18.10 -3.82
N TYR A 136 9.00 19.41 -3.63
CA TYR A 136 10.16 20.27 -3.79
C TYR A 136 10.32 21.25 -2.61
N GLU A 137 11.57 21.60 -2.34
CA GLU A 137 11.91 22.49 -1.24
C GLU A 137 13.25 23.12 -1.57
N SER A 138 13.22 24.23 -2.29
CA SER A 138 14.42 25.05 -2.44
C SER A 138 14.31 26.19 -1.44
N ASP A 139 15.05 27.27 -1.67
CA ASP A 139 15.06 28.40 -0.75
C ASP A 139 13.66 28.94 -0.45
N GLY A 140 13.15 28.59 0.73
CA GLY A 140 11.86 29.09 1.19
C GLY A 140 10.68 28.41 0.53
N GLU A 141 10.81 28.14 -0.77
CA GLU A 141 9.70 27.61 -1.57
C GLU A 141 9.40 26.13 -1.28
N ARG A 142 8.13 25.86 -0.98
CA ARG A 142 7.65 24.51 -0.71
C ARG A 142 6.56 24.16 -1.73
N ILE A 143 6.81 23.19 -2.60
CA ILE A 143 5.86 22.81 -3.64
C ILE A 143 5.61 21.30 -3.56
N GLY A 144 4.36 20.89 -3.72
CA GLY A 144 4.01 19.48 -3.83
C GLY A 144 3.97 18.79 -2.47
N ASP A 145 4.30 17.50 -2.47
CA ASP A 145 4.23 16.65 -1.28
C ASP A 145 5.60 16.52 -0.63
N PRO A 146 5.79 17.11 0.56
CA PRO A 146 7.09 17.05 1.24
C PRO A 146 7.57 15.61 1.50
N ALA A 147 6.64 14.68 1.66
CA ALA A 147 7.02 13.30 1.87
C ALA A 147 7.81 12.76 0.68
N SER A 148 7.64 13.40 -0.48
CA SER A 148 8.30 12.97 -1.70
C SER A 148 9.60 13.69 -2.03
N CYS A 149 10.09 14.54 -1.13
CA CYS A 149 11.27 15.36 -1.44
C CYS A 149 12.52 14.57 -1.81
N SER A 150 12.84 13.52 -1.06
CA SER A 150 14.09 12.81 -1.31
C SER A 150 14.02 12.01 -2.62
N LEU A 151 12.91 11.33 -2.85
CA LEU A 151 12.75 10.56 -4.10
C LEU A 151 12.71 11.49 -5.32
N THR A 152 12.01 12.62 -5.18
CA THR A 152 11.94 13.62 -6.23
C THR A 152 13.33 14.11 -6.61
N ALA A 153 14.16 14.39 -5.59
CA ALA A 153 15.53 14.81 -5.84
C ALA A 153 16.33 13.71 -6.50
N ALA A 154 16.05 12.46 -6.17
CA ALA A 154 16.79 11.35 -6.77
C ALA A 154 16.42 11.21 -8.24
N CYS A 155 15.14 11.39 -8.55
CA CYS A 155 14.67 11.37 -9.95
C CYS A 155 15.29 12.50 -10.76
N GLU A 156 15.34 13.68 -10.17
CA GLU A 156 15.92 14.80 -10.91
C GLU A 156 17.42 14.65 -11.11
N GLU A 157 18.05 13.79 -10.31
CA GLU A 157 19.45 13.45 -10.52
C GLU A 157 19.59 12.61 -11.78
N LEU A 158 18.53 11.88 -12.12
CA LEU A 158 18.61 10.91 -13.21
C LEU A 158 18.08 11.45 -14.52
N GLY A 159 17.88 12.76 -14.58
CA GLY A 159 17.46 13.41 -15.82
C GLY A 159 15.98 13.73 -15.93
N TRP A 160 15.17 13.24 -15.01
CA TRP A 160 13.77 13.63 -14.95
C TRP A 160 13.68 15.07 -14.45
N ARG A 161 12.63 15.78 -14.88
CA ARG A 161 12.37 17.15 -14.40
C ARG A 161 10.87 17.33 -14.21
N GLY A 162 10.47 17.74 -13.01
CA GLY A 162 9.05 17.95 -12.74
C GLY A 162 8.63 19.34 -13.18
N GLU A 163 7.34 19.49 -13.47
CA GLU A 163 6.79 20.79 -13.85
C GLU A 163 6.69 21.73 -12.63
N ARG A 164 6.79 21.17 -11.44
CA ARG A 164 6.69 21.91 -10.18
C ARG A 164 5.32 22.50 -9.93
N THR A 165 4.30 21.72 -10.24
CA THR A 165 2.96 22.00 -9.80
C THR A 165 2.91 21.31 -8.44
N ASP A 166 1.81 21.46 -7.72
CA ASP A 166 1.69 20.78 -6.44
C ASP A 166 1.33 19.30 -6.61
N PHE A 167 1.06 18.90 -7.85
CA PHE A 167 0.61 17.53 -8.12
C PHE A 167 1.30 16.93 -9.35
N ASP A 168 2.63 17.07 -9.43
CA ASP A 168 3.43 16.41 -10.46
C ASP A 168 3.43 14.91 -10.16
N LEU A 169 3.09 14.09 -11.14
CA LEU A 169 3.19 12.64 -10.95
C LEU A 169 4.65 12.24 -11.08
N LEU A 170 5.18 11.53 -10.09
CA LEU A 170 6.55 11.01 -10.17
C LEU A 170 6.61 9.92 -11.22
N PRO A 171 7.76 9.77 -11.88
CA PRO A 171 7.85 8.67 -12.85
C PRO A 171 8.02 7.36 -12.10
N LEU A 172 7.79 6.23 -12.76
CA LEU A 172 8.15 4.93 -12.19
C LEU A 172 9.66 4.89 -12.18
N ILE A 173 10.23 4.42 -11.09
CA ILE A 173 11.69 4.36 -11.05
C ILE A 173 12.12 3.09 -10.32
N PHE A 174 12.91 2.27 -11.00
CA PHE A 174 13.32 0.99 -10.46
C PHE A 174 14.64 0.59 -11.07
N ARG A 175 15.37 -0.29 -10.39
CA ARG A 175 16.67 -0.75 -10.87
C ARG A 175 16.67 -2.25 -11.08
N MET A 176 17.37 -2.69 -12.13
CA MET A 176 17.50 -4.11 -12.49
C MET A 176 18.85 -4.62 -12.00
N LYS A 177 18.88 -5.90 -11.62
CA LYS A 177 20.10 -6.54 -11.17
C LYS A 177 21.17 -6.38 -12.23
N GLY A 178 22.34 -5.90 -11.83
CA GLY A 178 23.44 -5.76 -12.75
C GLY A 178 23.55 -4.35 -13.29
N ASP A 179 22.43 -3.63 -13.25
CA ASP A 179 22.47 -2.22 -13.60
C ASP A 179 22.93 -1.42 -12.40
N GLU A 180 23.77 -0.42 -12.66
CA GLU A 180 24.28 0.42 -11.60
C GLU A 180 23.28 1.50 -11.21
N GLN A 181 22.55 2.01 -12.20
CA GLN A 181 21.54 3.03 -11.94
C GLN A 181 20.15 2.53 -12.26
N PRO A 182 19.12 3.04 -11.57
CA PRO A 182 17.74 2.70 -11.96
C PRO A 182 17.38 3.40 -13.26
N VAL A 183 16.25 3.01 -13.85
CA VAL A 183 15.73 3.72 -15.00
C VAL A 183 14.43 4.36 -14.57
N TRP A 184 13.97 5.35 -15.31
CA TRP A 184 12.66 5.92 -14.99
C TRP A 184 11.79 6.08 -16.23
N TYR A 185 10.49 5.93 -16.05
CA TYR A 185 9.50 6.07 -17.10
C TYR A 185 8.35 6.92 -16.62
N GLU A 186 8.00 7.93 -17.41
CA GLU A 186 6.87 8.81 -17.14
C GLU A 186 5.59 7.97 -17.20
N LEU A 187 4.65 8.22 -16.28
CA LEU A 187 3.37 7.54 -16.31
C LEU A 187 2.45 8.06 -17.41
N PRO A 188 1.86 7.14 -18.20
CA PRO A 188 0.85 7.62 -19.15
C PRO A 188 -0.34 8.19 -18.39
N ARG A 189 -0.67 9.46 -18.62
CA ARG A 189 -1.73 10.09 -17.82
C ARG A 189 -3.08 9.40 -18.03
N SER A 190 -3.25 8.71 -19.16
CA SER A 190 -4.47 7.95 -19.44
C SER A 190 -4.68 6.77 -18.47
N LEU A 191 -3.63 6.37 -17.77
CA LEU A 191 -3.72 5.24 -16.85
C LEU A 191 -4.08 5.65 -15.44
N VAL A 192 -3.89 6.93 -15.12
CA VAL A 192 -3.97 7.39 -13.74
C VAL A 192 -5.25 8.17 -13.52
N ILE A 193 -6.16 7.61 -12.74
CA ILE A 193 -7.38 8.33 -12.38
C ILE A 193 -7.10 9.31 -11.24
N GLU A 194 -7.54 10.56 -11.41
CA GLU A 194 -7.42 11.55 -10.35
C GLU A 194 -8.80 12.07 -10.00
N VAL A 195 -8.98 12.51 -8.76
CA VAL A 195 -10.28 12.95 -8.29
C VAL A 195 -10.20 14.39 -7.77
N PRO A 196 -10.90 15.32 -8.43
CA PRO A 196 -10.93 16.68 -7.89
C PRO A 196 -11.74 16.69 -6.60
N ILE A 197 -11.29 17.41 -5.57
CA ILE A 197 -12.01 17.41 -4.30
C ILE A 197 -13.01 18.56 -4.27
N THR A 198 -14.30 18.22 -4.31
CA THR A 198 -15.35 19.19 -4.11
C THR A 198 -16.14 18.80 -2.84
N HIS A 199 -16.95 19.73 -2.33
CA HIS A 199 -17.75 19.47 -1.12
C HIS A 199 -19.23 19.38 -1.49
N PRO A 200 -19.98 18.51 -0.79
CA PRO A 200 -21.38 18.31 -1.16
C PRO A 200 -22.25 19.57 -1.02
N ASP A 201 -21.89 20.45 -0.09
CA ASP A 201 -22.76 21.57 0.31
C ASP A 201 -22.09 22.93 0.07
N ILE A 202 -20.77 22.95 0.10
CA ILE A 202 -20.02 24.20 0.06
C ILE A 202 -19.34 24.37 -1.29
N GLU A 203 -19.89 25.25 -2.11
CA GLU A 203 -19.46 25.35 -3.51
C GLU A 203 -18.08 25.98 -3.61
N ALA A 204 -17.73 26.76 -2.60
CA ALA A 204 -16.46 27.46 -2.56
C ALA A 204 -15.30 26.49 -2.36
N PHE A 205 -15.60 25.26 -1.93
CA PHE A 205 -14.56 24.29 -1.64
C PHE A 205 -13.64 24.03 -2.84
N SER A 206 -14.18 24.13 -4.05
CA SER A 206 -13.38 23.90 -5.25
C SER A 206 -12.31 24.96 -5.48
N ASP A 207 -12.44 26.09 -4.78
CA ASP A 207 -11.44 27.15 -4.89
C ASP A 207 -10.08 26.69 -4.37
N LEU A 208 -10.08 25.67 -3.53
CA LEU A 208 -8.85 25.12 -3.00
C LEU A 208 -8.06 24.37 -4.07
N GLU A 209 -8.74 23.95 -5.13
CA GLU A 209 -8.12 23.19 -6.22
C GLU A 209 -7.34 21.97 -5.72
N LEU A 210 -7.94 21.23 -4.81
CA LEU A 210 -7.34 20.02 -4.28
C LEU A 210 -7.69 18.84 -5.19
N LYS A 211 -6.79 17.87 -5.29
CA LYS A 211 -7.11 16.62 -5.96
C LYS A 211 -6.28 15.52 -5.33
N TRP A 212 -6.62 14.28 -5.62
CA TRP A 212 -5.79 13.18 -5.17
C TRP A 212 -5.94 12.05 -6.17
N TYR A 213 -5.01 11.11 -6.16
CA TYR A 213 -5.05 10.01 -7.12
C TYR A 213 -5.98 8.92 -6.61
N GLY A 214 -6.47 8.08 -7.51
CA GLY A 214 -7.49 7.12 -7.15
C GLY A 214 -6.99 5.93 -6.36
N VAL A 215 -5.82 5.42 -6.70
CA VAL A 215 -5.39 4.14 -6.17
C VAL A 215 -4.04 4.18 -5.51
N PRO A 216 -3.98 3.89 -4.21
CA PRO A 216 -2.71 3.82 -3.49
C PRO A 216 -2.07 2.46 -3.73
N ILE A 217 -0.95 2.42 -4.45
CA ILE A 217 -0.31 1.14 -4.77
C ILE A 217 1.05 1.11 -4.10
N VAL A 218 1.14 0.47 -2.94
CA VAL A 218 2.38 0.48 -2.15
C VAL A 218 3.44 -0.43 -2.78
N SER A 219 4.58 0.16 -3.14
CA SER A 219 5.51 -0.54 -3.99
C SER A 219 6.88 -0.74 -3.39
N ASP A 220 7.06 -0.37 -2.12
CA ASP A 220 8.38 -0.49 -1.48
C ASP A 220 8.45 -1.45 -0.27
N MET A 221 7.44 -2.30 -0.10
CA MET A 221 7.53 -3.32 0.95
C MET A 221 7.87 -4.69 0.41
N LYS A 222 8.48 -5.49 1.26
CA LYS A 222 8.88 -6.85 0.94
C LYS A 222 7.82 -7.85 1.39
N LEU A 223 7.34 -8.69 0.47
CA LEU A 223 6.47 -9.80 0.84
C LEU A 223 7.33 -10.98 1.20
N GLU A 224 7.10 -11.56 2.37
CA GLU A 224 7.83 -12.76 2.75
C GLU A 224 6.91 -13.97 2.88
N VAL A 225 7.22 -15.03 2.14
CA VAL A 225 6.40 -16.23 2.17
C VAL A 225 7.30 -17.48 2.22
N GLY A 226 7.20 -18.22 3.33
CA GLY A 226 7.95 -19.46 3.50
C GLY A 226 9.46 -19.32 3.28
N GLY A 227 10.05 -18.28 3.84
CA GLY A 227 11.48 -18.08 3.72
C GLY A 227 11.92 -17.45 2.42
N ILE A 228 10.98 -17.25 1.50
CA ILE A 228 11.28 -16.62 0.21
C ILE A 228 10.98 -15.14 0.23
N HIS A 229 11.93 -14.34 -0.23
CA HIS A 229 11.86 -12.89 -0.09
C HIS A 229 11.51 -12.17 -1.38
N TYR A 230 10.25 -11.74 -1.49
CA TYR A 230 9.78 -11.01 -2.64
C TYR A 230 9.89 -9.52 -2.33
N ASN A 231 11.06 -8.94 -2.60
CA ASN A 231 11.28 -7.54 -2.25
C ASN A 231 10.48 -6.58 -3.15
N ALA A 232 10.13 -7.06 -4.34
CA ALA A 232 9.40 -6.27 -5.31
C ALA A 232 8.05 -6.92 -5.52
N ALA A 233 7.02 -6.37 -4.88
CA ALA A 233 5.69 -6.96 -5.00
C ALA A 233 4.63 -5.93 -4.66
N PRO A 234 4.42 -4.96 -5.57
CA PRO A 234 3.50 -3.86 -5.25
C PRO A 234 2.05 -4.33 -5.10
N PHE A 235 1.35 -3.74 -4.14
CA PHE A 235 -0.01 -4.17 -3.87
C PHE A 235 -0.88 -2.96 -3.62
N ASN A 236 -2.19 -3.12 -3.81
CA ASN A 236 -3.10 -2.04 -3.52
C ASN A 236 -4.42 -2.54 -2.97
N GLY A 237 -5.09 -1.68 -2.20
CA GLY A 237 -6.51 -1.81 -1.94
C GLY A 237 -7.17 -0.57 -2.50
N TRP A 238 -8.27 -0.16 -1.88
CA TRP A 238 -8.83 1.17 -2.12
C TRP A 238 -8.57 2.01 -0.87
N TYR A 239 -8.67 3.32 -1.01
CA TYR A 239 -8.41 4.23 0.11
C TYR A 239 -9.52 4.18 1.16
N MET A 240 -9.12 4.33 2.43
CA MET A 240 -10.01 4.82 3.47
C MET A 240 -9.90 6.33 3.45
N GLY A 241 -11.03 7.03 3.39
CA GLY A 241 -11.02 8.48 3.23
C GLY A 241 -10.06 9.27 4.12
N THR A 242 -9.99 8.89 5.40
CA THR A 242 -9.12 9.60 6.36
C THR A 242 -7.65 9.66 5.94
N GLU A 243 -7.22 8.70 5.13
CA GLU A 243 -5.80 8.66 4.76
C GLU A 243 -5.50 9.88 3.92
N ILE A 244 -6.49 10.28 3.13
CA ILE A 244 -6.34 11.40 2.24
C ILE A 244 -6.69 12.66 3.01
N GLY A 245 -7.86 12.65 3.63
CA GLY A 245 -8.41 13.87 4.19
C GLY A 245 -7.90 14.28 5.56
N ALA A 246 -7.35 13.34 6.31
CA ALA A 246 -6.92 13.62 7.67
C ALA A 246 -5.40 13.53 7.78
N ARG A 247 -4.74 13.05 6.73
CA ARG A 247 -3.29 12.89 6.75
C ARG A 247 -2.60 13.54 5.53
N ASN A 248 -2.78 12.94 4.35
CA ASN A 248 -2.12 13.45 3.16
C ASN A 248 -2.41 14.93 2.93
N LEU A 249 -3.66 15.32 3.05
CA LEU A 249 -4.01 16.72 2.86
C LEU A 249 -3.92 17.61 4.11
N ALA A 250 -3.95 17.00 5.30
CA ALA A 250 -4.06 17.73 6.57
C ALA A 250 -2.77 17.92 7.35
N ASP A 251 -1.90 16.91 7.31
CA ASP A 251 -0.68 16.94 8.12
C ASP A 251 0.16 18.18 7.83
N GLU A 252 0.73 18.80 8.86
CA GLU A 252 1.55 19.97 8.65
C GLU A 252 2.78 19.67 7.80
N LYS A 253 3.32 18.46 7.94
CA LYS A 253 4.46 18.01 7.14
C LYS A 253 4.05 17.42 5.78
N ARG A 254 2.76 17.47 5.46
CA ARG A 254 2.29 17.06 4.15
C ARG A 254 1.70 18.28 3.44
N TYR A 255 0.48 18.20 2.97
CA TYR A 255 -0.08 19.34 2.26
C TYR A 255 -0.60 20.48 3.17
N ASP A 256 -0.82 20.18 4.45
CA ASP A 256 -1.07 21.24 5.44
C ASP A 256 -2.20 22.21 5.07
N LYS A 257 -3.37 21.69 4.73
CA LYS A 257 -4.46 22.51 4.17
C LYS A 257 -5.54 22.96 5.17
N LEU A 258 -5.39 22.65 6.44
CA LEU A 258 -6.49 22.93 7.37
C LEU A 258 -6.86 24.40 7.43
N LYS A 259 -5.87 25.28 7.45
CA LYS A 259 -6.17 26.69 7.58
C LYS A 259 -6.91 27.20 6.34
N LYS A 260 -6.51 26.69 5.17
CA LYS A 260 -7.21 27.03 3.94
C LYS A 260 -8.62 26.44 3.90
N VAL A 261 -8.79 25.24 4.41
CA VAL A 261 -10.13 24.66 4.50
C VAL A 261 -11.05 25.52 5.36
N ALA A 262 -10.53 25.98 6.50
CA ALA A 262 -11.32 26.78 7.43
C ALA A 262 -11.80 28.07 6.77
N SER A 263 -10.91 28.68 5.99
CA SER A 263 -11.29 29.88 5.27
C SER A 263 -12.46 29.65 4.30
N VAL A 264 -12.35 28.64 3.44
CA VAL A 264 -13.42 28.41 2.46
C VAL A 264 -14.72 27.91 3.07
N ILE A 265 -14.66 27.26 4.23
CA ILE A 265 -15.90 26.84 4.87
C ILE A 265 -16.45 27.94 5.76
N GLY A 266 -15.69 29.02 5.89
CA GLY A 266 -16.19 30.23 6.50
C GLY A 266 -16.20 30.25 8.02
N ILE A 267 -15.20 29.62 8.63
CA ILE A 267 -15.01 29.74 10.09
C ILE A 267 -13.66 30.36 10.42
N ALA A 268 -13.56 31.05 11.56
CA ALA A 268 -12.30 31.64 11.99
C ALA A 268 -11.31 30.53 12.34
N ALA A 269 -10.03 30.80 12.13
CA ALA A 269 -8.96 29.87 12.53
C ALA A 269 -8.06 30.56 13.55
N ASP A 270 -8.66 31.13 14.58
CA ASP A 270 -7.96 32.00 15.52
C ASP A 270 -7.84 31.42 16.95
N TYR A 271 -8.81 30.59 17.34
CA TYR A 271 -8.87 30.12 18.73
C TYR A 271 -8.95 28.61 18.81
N ASN A 272 -8.11 28.00 19.64
CA ASN A 272 -8.14 26.56 19.80
C ASN A 272 -9.52 26.14 20.30
N THR A 273 -10.07 26.87 21.25
CA THR A 273 -11.37 26.49 21.83
C THR A 273 -12.51 26.47 20.81
N ASP A 274 -12.30 27.06 19.63
CA ASP A 274 -13.29 26.99 18.56
C ASP A 274 -13.28 25.64 17.86
N LEU A 275 -12.26 24.83 18.10
CA LEU A 275 -12.11 23.54 17.44
C LEU A 275 -12.16 23.66 15.92
N TRP A 276 -11.56 24.74 15.40
CA TRP A 276 -11.60 24.98 13.97
C TRP A 276 -10.83 23.92 13.17
N LYS A 277 -9.75 23.39 13.74
CA LYS A 277 -9.05 22.27 13.08
C LYS A 277 -9.95 21.04 12.96
N ASP A 278 -10.67 20.75 14.04
CA ASP A 278 -11.55 19.60 14.04
C ASP A 278 -12.67 19.77 13.03
N GLN A 279 -13.27 20.95 12.99
CA GLN A 279 -14.37 21.22 12.08
C GLN A 279 -13.89 21.13 10.64
N ALA A 280 -12.71 21.68 10.40
CA ALA A 280 -12.06 21.62 9.09
C ALA A 280 -11.76 20.18 8.69
N LEU A 281 -11.23 19.39 9.61
CA LEU A 281 -10.98 17.97 9.32
C LEU A 281 -12.25 17.26 8.87
N VAL A 282 -13.35 17.50 9.55
CA VAL A 282 -14.59 16.81 9.21
C VAL A 282 -15.12 17.26 7.86
N GLU A 283 -15.10 18.55 7.58
CA GLU A 283 -15.59 19.00 6.28
C GLU A 283 -14.69 18.50 5.16
N LEU A 284 -13.36 18.56 5.37
CA LEU A 284 -12.40 18.03 4.39
C LEU A 284 -12.63 16.56 4.13
N ASN A 285 -12.82 15.80 5.20
CA ASN A 285 -13.07 14.38 5.05
C ASN A 285 -14.41 14.02 4.41
N LYS A 286 -15.43 14.84 4.65
CA LYS A 286 -16.70 14.69 3.94
C LYS A 286 -16.50 14.94 2.46
N ALA A 287 -15.69 15.94 2.14
CA ALA A 287 -15.48 16.32 0.75
C ALA A 287 -14.81 15.20 -0.01
N VAL A 288 -13.80 14.59 0.62
CA VAL A 288 -13.03 13.54 -0.02
C VAL A 288 -13.92 12.34 -0.35
N LEU A 289 -14.78 11.93 0.59
CA LEU A 289 -15.66 10.79 0.36
C LEU A 289 -16.67 11.14 -0.72
N HIS A 290 -17.21 12.34 -0.62
CA HIS A 290 -18.20 12.81 -1.59
C HIS A 290 -17.64 12.81 -3.01
N SER A 291 -16.40 13.27 -3.16
CA SER A 291 -15.77 13.39 -4.47
C SER A 291 -15.49 12.05 -5.13
N TYR A 292 -14.84 11.15 -4.39
CA TYR A 292 -14.56 9.81 -4.87
C TYR A 292 -15.84 9.10 -5.28
N LYS A 293 -16.85 9.15 -4.42
CA LYS A 293 -18.15 8.53 -4.72
C LYS A 293 -18.77 9.12 -5.97
N LYS A 294 -18.70 10.44 -6.11
CA LYS A 294 -19.31 11.12 -7.25
C LYS A 294 -18.65 10.72 -8.56
N GLN A 295 -17.35 10.47 -8.50
CA GLN A 295 -16.59 10.10 -9.68
C GLN A 295 -16.66 8.61 -9.96
N GLY A 296 -17.25 7.85 -9.04
CA GLY A 296 -17.33 6.41 -9.22
C GLY A 296 -16.00 5.73 -9.00
N VAL A 297 -15.21 6.27 -8.09
CA VAL A 297 -13.97 5.63 -7.64
C VAL A 297 -14.15 5.08 -6.24
N SER A 298 -13.80 3.81 -6.07
CA SER A 298 -13.94 3.12 -4.79
C SER A 298 -13.21 3.82 -3.66
N ILE A 299 -13.83 3.82 -2.49
CA ILE A 299 -13.27 4.41 -1.29
C ILE A 299 -14.15 3.89 -0.15
N VAL A 300 -13.60 3.81 1.07
CA VAL A 300 -14.38 3.45 2.25
C VAL A 300 -14.21 4.53 3.34
N ASP A 301 -15.28 4.79 4.08
CA ASP A 301 -15.19 5.69 5.24
C ASP A 301 -14.70 4.89 6.44
N HIS A 302 -14.21 5.58 7.47
CA HIS A 302 -13.57 4.86 8.57
C HIS A 302 -14.57 4.09 9.46
N HIS A 303 -15.83 4.50 9.46
CA HIS A 303 -16.84 3.79 10.25
C HIS A 303 -17.20 2.44 9.60
N THR A 304 -17.46 2.48 8.30
CA THR A 304 -17.76 1.27 7.55
C THR A 304 -16.57 0.34 7.57
N ALA A 305 -15.38 0.90 7.40
CA ALA A 305 -14.13 0.13 7.48
C ALA A 305 -13.96 -0.58 8.80
N ALA A 306 -14.22 0.13 9.92
CA ALA A 306 -14.16 -0.47 11.25
C ALA A 306 -15.21 -1.55 11.44
N SER A 307 -16.40 -1.37 10.85
CA SER A 307 -17.45 -2.41 10.91
C SER A 307 -17.00 -3.67 10.19
N GLN A 308 -16.35 -3.48 9.05
CA GLN A 308 -15.80 -4.59 8.30
C GLN A 308 -14.74 -5.29 9.13
N PHE A 309 -13.86 -4.52 9.76
CA PHE A 309 -12.80 -5.12 10.56
C PHE A 309 -13.32 -5.91 11.75
N LYS A 310 -14.43 -5.44 12.32
CA LYS A 310 -15.12 -6.21 13.36
C LYS A 310 -15.52 -7.56 12.79
N ARG A 311 -15.98 -7.59 11.54
CA ARG A 311 -16.39 -8.86 10.94
C ARG A 311 -15.16 -9.74 10.72
N PHE A 312 -14.02 -9.11 10.42
CA PHE A 312 -12.76 -9.84 10.31
C PHE A 312 -12.38 -10.50 11.63
N GLU A 313 -12.49 -9.75 12.73
CA GLU A 313 -12.25 -10.31 14.06
C GLU A 313 -13.13 -11.52 14.31
N GLU A 314 -14.42 -11.37 14.03
CA GLU A 314 -15.39 -12.45 14.24
C GLU A 314 -15.03 -13.66 13.38
N GLN A 315 -14.73 -13.41 12.11
CA GLN A 315 -14.33 -14.48 11.21
C GLN A 315 -13.06 -15.20 11.68
N ALA A 316 -12.07 -14.43 12.14
CA ALA A 316 -10.84 -14.99 12.69
C ALA A 316 -11.17 -15.95 13.82
N GLU A 317 -12.07 -15.52 14.69
CA GLU A 317 -12.43 -16.36 15.83
C GLU A 317 -13.09 -17.68 15.41
N GLU A 318 -14.04 -17.61 14.50
CA GLU A 318 -14.76 -18.80 14.05
C GLU A 318 -13.82 -19.81 13.42
N ALA A 319 -12.82 -19.31 12.69
CA ALA A 319 -11.86 -20.16 12.01
C ALA A 319 -10.79 -20.73 12.94
N GLY A 320 -10.79 -20.30 14.19
CA GLY A 320 -9.79 -20.72 15.15
C GLY A 320 -8.41 -20.13 14.93
N ARG A 321 -8.33 -18.94 14.34
CA ARG A 321 -7.06 -18.26 14.17
C ARG A 321 -6.89 -17.14 15.17
N LYS A 322 -5.72 -17.07 15.82
CA LYS A 322 -5.39 -15.92 16.64
C LYS A 322 -5.52 -14.68 15.77
N LEU A 323 -6.07 -13.61 16.35
CA LEU A 323 -6.08 -12.30 15.69
C LEU A 323 -4.88 -11.49 16.16
N THR A 324 -4.18 -10.86 15.23
CA THR A 324 -3.16 -9.91 15.65
C THR A 324 -3.42 -8.53 15.05
N GLY A 325 -3.01 -7.47 15.76
CA GLY A 325 -3.21 -6.12 15.28
C GLY A 325 -2.41 -5.07 16.04
N ASP A 326 -2.23 -3.92 15.40
CA ASP A 326 -1.54 -2.78 15.98
C ASP A 326 -2.55 -1.69 16.22
N TRP A 327 -3.00 -1.59 17.47
CA TRP A 327 -4.05 -0.64 17.85
C TRP A 327 -3.69 0.76 17.38
N THR A 328 -2.41 1.12 17.49
CA THR A 328 -2.00 2.48 17.19
C THR A 328 -2.11 2.82 15.72
N TRP A 329 -2.17 1.80 14.86
CA TRP A 329 -2.39 2.00 13.42
C TRP A 329 -3.79 1.64 13.02
N LEU A 330 -4.45 0.80 13.81
CA LEU A 330 -5.82 0.42 13.47
C LEU A 330 -6.83 1.54 13.74
N ILE A 331 -6.64 2.33 14.80
CA ILE A 331 -7.60 3.41 15.05
C ILE A 331 -7.51 4.47 13.94
N PRO A 332 -8.67 4.96 13.47
CA PRO A 332 -8.60 6.03 12.47
C PRO A 332 -8.21 7.35 13.13
N PRO A 333 -7.64 8.28 12.36
CA PRO A 333 -7.17 9.56 12.93
C PRO A 333 -8.29 10.57 13.12
N ILE A 334 -9.51 10.18 12.77
CA ILE A 334 -10.70 11.01 12.92
C ILE A 334 -11.67 10.19 13.76
N SER A 335 -12.25 10.81 14.80
CA SER A 335 -13.17 10.13 15.74
C SER A 335 -12.83 8.69 16.10
N PRO A 336 -11.59 8.41 16.52
CA PRO A 336 -11.29 7.01 16.83
C PRO A 336 -12.18 6.35 17.89
N ALA A 337 -12.63 7.09 18.90
CA ALA A 337 -13.44 6.49 19.97
C ALA A 337 -14.85 6.11 19.53
N ALA A 338 -15.22 6.48 18.31
CA ALA A 338 -16.53 6.12 17.77
C ALA A 338 -16.47 4.79 17.05
N THR A 339 -15.28 4.17 17.03
CA THR A 339 -15.14 2.84 16.46
C THR A 339 -14.89 1.85 17.58
N HIS A 340 -15.26 0.59 17.37
CA HIS A 340 -15.07 -0.46 18.37
C HIS A 340 -13.58 -0.73 18.61
N ILE A 341 -12.78 -0.52 17.58
CA ILE A 341 -11.33 -0.71 17.65
C ILE A 341 -10.73 0.02 18.87
N PHE A 342 -11.08 1.29 19.01
CA PHE A 342 -10.58 2.10 20.12
C PHE A 342 -10.78 1.46 21.50
N HIS A 343 -11.87 0.72 21.65
CA HIS A 343 -12.28 0.25 22.97
C HIS A 343 -11.84 -1.16 23.28
N ARG A 344 -11.04 -1.77 22.40
CA ARG A 344 -10.41 -3.03 22.76
C ARG A 344 -8.91 -2.98 22.53
N SER A 345 -8.20 -4.02 22.93
CA SER A 345 -6.78 -4.10 22.64
C SER A 345 -6.47 -5.25 21.68
N TYR A 346 -5.24 -5.26 21.17
CA TYR A 346 -4.84 -6.19 20.12
C TYR A 346 -3.42 -6.68 20.34
N ASP A 347 -3.23 -7.97 20.13
CA ASP A 347 -1.94 -8.62 20.23
C ASP A 347 -1.10 -8.24 19.00
N ASN A 348 -0.05 -7.45 19.20
CA ASN A 348 0.76 -6.96 18.09
C ASN A 348 1.88 -7.90 17.65
N SER A 349 1.70 -9.20 17.85
CA SER A 349 2.72 -10.17 17.43
C SER A 349 2.86 -10.25 15.89
N ILE A 350 4.07 -10.53 15.44
CA ILE A 350 4.32 -10.68 14.00
C ILE A 350 4.18 -12.15 13.61
N VAL A 351 3.26 -12.43 12.70
CA VAL A 351 3.08 -13.79 12.15
C VAL A 351 3.39 -13.74 10.66
N LYS A 352 4.10 -14.77 10.17
CA LYS A 352 4.42 -14.86 8.75
C LYS A 352 3.54 -15.90 8.08
N PRO A 353 3.26 -15.76 6.76
CA PRO A 353 3.68 -14.74 5.77
C PRO A 353 3.25 -13.31 6.09
N ASN A 354 4.01 -12.32 5.61
CA ASN A 354 3.72 -10.93 5.94
C ASN A 354 4.47 -9.95 5.03
N TYR A 355 4.14 -8.66 5.16
CA TYR A 355 4.82 -7.59 4.41
C TYR A 355 5.70 -6.83 5.39
N PHE A 356 6.92 -6.50 4.94
CA PHE A 356 7.89 -5.83 5.80
C PHE A 356 8.50 -4.58 5.16
N TYR A 357 8.96 -3.68 6.01
CA TYR A 357 9.72 -2.53 5.56
C TYR A 357 11.06 -3.00 5.04
N GLN A 358 11.62 -2.26 4.10
CA GLN A 358 13.00 -2.44 3.66
C GLN A 358 13.64 -1.07 3.45
N ASP A 359 14.98 -1.01 3.54
CA ASP A 359 15.71 0.25 3.40
C ASP A 359 15.47 0.88 2.04
N LYS A 360 15.37 2.20 2.02
CA LYS A 360 15.29 2.94 0.76
C LYS A 360 16.67 3.02 0.10
N PRO A 361 16.73 2.77 -1.22
CA PRO A 361 17.98 2.89 -1.99
C PRO A 361 18.41 4.34 -2.20
N TYR A 362 17.46 5.26 -2.31
CA TYR A 362 17.79 6.68 -2.16
C TYR A 362 17.86 6.94 -0.63
N GLU A 363 18.28 8.13 -0.22
CA GLU A 363 18.54 8.42 1.20
C GLU A 363 19.73 7.64 1.79
CHA HEM B . -2.15 -0.43 6.31
CHB HEM B . -6.71 0.23 4.74
CHC HEM B . -6.02 -3.30 1.42
CHD HEM B . -1.70 -4.31 3.42
C1A HEM B . -3.39 0.09 6.03
C2A HEM B . -3.80 1.33 6.55
C3A HEM B . -5.08 1.51 6.12
C4A HEM B . -5.47 0.39 5.34
CMA HEM B . -5.94 2.72 6.40
CAA HEM B . -2.99 2.29 7.41
CBA HEM B . -2.08 3.10 6.48
CGA HEM B . -1.46 4.28 7.17
O1A HEM B . -1.91 4.76 8.26
O2A HEM B . -0.46 4.82 6.63
C1B HEM B . -6.88 -0.66 3.66
C2B HEM B . -8.04 -0.67 2.84
C3B HEM B . -7.90 -1.65 1.90
C4B HEM B . -6.57 -2.26 2.19
CMB HEM B . -9.22 0.26 2.96
CAB HEM B . -8.90 -1.94 0.83
CBB HEM B . -9.06 -3.12 0.21
C1C HEM B . -4.74 -3.84 1.61
C2C HEM B . -4.09 -4.80 0.79
C3C HEM B . -2.87 -5.11 1.38
C4C HEM B . -2.77 -4.30 2.55
CMC HEM B . -4.66 -5.39 -0.49
CAC HEM B . -1.80 -6.04 0.91
CBC HEM B . -2.02 -7.11 0.14
C1D HEM B . -1.52 -3.28 4.35
C2D HEM B . -0.23 -3.11 5.03
C3D HEM B . -0.35 -2.03 5.81
C4D HEM B . -1.71 -1.55 5.62
CMD HEM B . 1.01 -3.96 4.88
CAD HEM B . 0.71 -1.47 6.74
CBD HEM B . 1.77 -0.64 5.99
CGD HEM B . 2.79 -0.07 6.94
O1D HEM B . 3.22 1.08 6.69
O2D HEM B . 3.25 -0.69 7.95
NA HEM B . -4.41 -0.50 5.29
NB HEM B . -6.02 -1.61 3.25
NC HEM B . -3.94 -3.58 2.67
ND HEM B . -2.38 -2.30 4.71
FE HEM B . -4.20 -2.14 4.16
N1 H4B C . -1.25 5.72 12.52
C2 H4B C . -1.48 5.82 11.18
N2 H4B C . -2.70 5.48 10.69
N3 H4B C . -0.51 6.26 10.33
C4 H4B C . 0.72 6.61 10.72
O4 H4B C . 1.56 7.00 9.89
C4A H4B C . 1.04 6.51 12.18
C8A H4B C . -0.04 6.04 13.06
N5 H4B C . 2.24 6.83 12.74
N8 H4B C . 0.25 5.95 14.38
C6 H4B C . 2.67 6.26 14.02
C7 H4B C . 1.57 5.51 14.76
C9 H4B C . 3.33 7.34 14.90
O9 H4B C . 2.32 8.24 15.37
C10 H4B C . 4.14 6.81 16.09
C11 H4B C . 5.16 5.78 15.64
O10 H4B C . 3.30 6.29 17.13
CL CL D . -1.42 7.43 0.87
N01 M85 E . -3.64 2.15 2.30
C02 M85 E . -4.67 1.55 1.65
N02 M85 E . -5.83 2.23 1.45
C03 M85 E . -4.53 0.25 1.19
C04 M85 E . -3.33 -0.43 1.41
C05 M85 E . -2.30 0.21 2.07
C06 M85 E . -1.10 -0.46 2.30
C07 M85 E . -0.06 0.20 2.97
C08 M85 E . -0.20 1.51 3.40
C09 M85 E . -1.42 2.17 3.18
C10 M85 E . -2.46 1.52 2.52
C11 M85 E . 0.95 2.19 4.12
O12 M85 E . 2.17 1.84 3.44
C21 M85 E . 5.00 3.59 5.04
C22 M85 E . 6.08 2.89 4.50
C23 M85 E . 5.85 1.84 3.61
C24 M85 E . 4.55 1.50 3.27
C25 M85 E . 3.45 2.20 3.81
C26 M85 E . 3.68 3.25 4.69
C27 M85 E . 5.25 4.73 6.00
N28 M85 E . 4.58 5.95 5.51
C29 M85 E . 5.38 6.59 4.45
C1 GOL F . 0.81 22.38 -0.17
O1 GOL F . 0.31 23.15 -1.26
C2 GOL F . 2.08 23.04 0.32
O2 GOL F . 2.93 23.22 -0.82
C3 GOL F . 2.74 22.12 1.33
O3 GOL F . 3.72 22.85 2.08
C1 GOL G . 16.83 17.33 -15.04
O1 GOL G . 16.30 17.54 -13.73
C2 GOL G . 17.02 18.64 -15.79
O2 GOL G . 17.19 18.38 -17.18
C3 GOL G . 18.31 19.24 -15.28
O3 GOL G . 19.39 18.40 -15.68
#